data_3RVU
#
_entry.id   3RVU
#
_cell.length_a   77.130
_cell.length_b   122.032
_cell.length_c   99.703
_cell.angle_alpha   90.00
_cell.angle_beta   90.00
_cell.angle_gamma   90.00
#
_symmetry.space_group_name_H-M   'C 2 2 21'
#
loop_
_entity.id
_entity.type
_entity.pdbx_description
1 polymer '4C1 Fab - light chain'
2 polymer '4C1 Fab - heavy chain'
3 water water
#
loop_
_entity_poly.entity_id
_entity_poly.type
_entity_poly.pdbx_seq_one_letter_code
_entity_poly.pdbx_strand_id
1 'polypeptide(L)'
;QIVMTQSPFSMYATLGERVTITCKASQDIYSYLSWLQQKPGKSLKTLIYRANRLITGVPSRFSGSGSGQDYSLTISSLEY
EDMGIYYCLQYDEFPYTFGGGTKLEMKRADAAPTVSIFPPSSEQLTSGGASVVCFLNNFYPKDINVKWKIDGSERQNGVL
NSWTDQDSKDSTYSMSSTLTLTKDEYERHNSYTCEATHKTSTSPIVKSFNRNE
;
C
2 'polypeptide(L)'
;EVQLQESGPGLVKPSQSLSLTCTVTGYSITSDYAWNWIRQFPGNKLEWMGYISYSGTTSYNPSLKSRISITRDTSKNQFF
LQLNSVTTEDTATYYCGRTGVYRYPERAPYWGQGTLVTVSAAKTTPPSVYPLAPGSAAQTNSMVTLGCLVKGYFPEPVTV
TWNSGSLSSGVHTFPAVLQSDLYTLSSSVTVPSSTWPSETVTCNVAHPASSTKVDKKIVPRDCGCKPCICTVPEVSSVFI
FPPKPKDVLTITLTP
;
D
#
# COMPACT_ATOMS: atom_id res chain seq x y z
N GLN A 1 -9.71 21.20 16.86
CA GLN A 1 -8.53 20.71 16.11
C GLN A 1 -8.69 21.10 14.67
N ILE A 2 -7.68 21.80 14.16
CA ILE A 2 -7.76 22.33 12.83
C ILE A 2 -7.97 21.17 11.86
N VAL A 3 -9.02 21.26 11.06
CA VAL A 3 -9.36 20.22 10.12
C VAL A 3 -8.81 20.65 8.80
N MET A 4 -8.09 19.77 8.12
CA MET A 4 -7.52 20.09 6.82
C MET A 4 -8.21 19.21 5.77
N THR A 5 -8.74 19.84 4.73
CA THR A 5 -9.51 19.14 3.72
C THR A 5 -8.83 19.35 2.39
N GLN A 6 -8.43 18.28 1.73
CA GLN A 6 -7.77 18.41 0.45
C GLN A 6 -8.72 18.07 -0.69
N SER A 7 -8.50 18.71 -1.84
CA SER A 7 -9.12 18.30 -3.10
C SER A 7 -8.14 18.43 -4.30
N PRO A 8 -8.35 17.60 -5.34
CA PRO A 8 -9.31 16.51 -5.39
C PRO A 8 -8.82 15.32 -4.59
N PHE A 9 -9.66 14.32 -4.38
CA PHE A 9 -9.20 13.10 -3.71
C PHE A 9 -8.22 12.31 -4.64
N SER A 10 -8.62 12.21 -5.89
CA SER A 10 -7.88 11.48 -6.92
C SER A 10 -8.00 12.28 -8.21
N MET A 11 -7.03 12.14 -9.11
CA MET A 11 -7.07 12.77 -10.43
C MET A 11 -6.07 12.17 -11.38
N TYR A 12 -6.49 11.78 -12.60
CA TYR A 12 -5.55 11.32 -13.62
C TYR A 12 -5.05 12.48 -14.43
N ALA A 13 -3.78 12.44 -14.81
CA ALA A 13 -3.15 13.52 -15.56
C ALA A 13 -2.16 13.01 -16.59
N THR A 14 -1.76 13.93 -17.48
CA THR A 14 -0.87 13.68 -18.59
C THR A 14 0.44 14.43 -18.47
N LEU A 15 1.52 13.84 -18.98
CA LEU A 15 2.83 14.51 -18.99
C LEU A 15 2.71 15.87 -19.68
N GLY A 16 3.29 16.91 -19.09
CA GLY A 16 3.22 18.25 -19.67
C GLY A 16 2.06 19.09 -19.15
N GLU A 17 1.05 18.42 -18.61
CA GLU A 17 -0.14 19.05 -18.05
C GLU A 17 0.17 19.88 -16.80
N ARG A 18 -0.69 20.87 -16.52
CA ARG A 18 -0.58 21.75 -15.37
C ARG A 18 -1.59 21.39 -14.32
N VAL A 19 -1.16 21.24 -13.07
CA VAL A 19 -2.01 20.65 -12.07
C VAL A 19 -2.04 21.46 -10.81
N THR A 20 -3.20 21.53 -10.18
CA THR A 20 -3.41 22.35 -9.05
C THR A 20 -4.25 21.62 -8.03
N ILE A 21 -3.61 21.33 -6.90
CA ILE A 21 -4.19 20.66 -5.73
C ILE A 21 -4.48 21.74 -4.70
N THR A 22 -5.64 21.65 -4.04
CA THR A 22 -5.94 22.58 -2.96
C THR A 22 -6.10 21.87 -1.62
N CYS A 23 -5.92 22.68 -0.59
CA CYS A 23 -5.98 22.28 0.80
C CYS A 23 -6.75 23.38 1.51
N LYS A 24 -7.88 23.00 2.11
CA LYS A 24 -8.61 23.92 2.97
C LYS A 24 -8.49 23.63 4.50
N ALA A 25 -8.05 24.65 5.24
CA ALA A 25 -8.05 24.68 6.70
C ALA A 25 -9.36 25.16 7.29
N SER A 26 -9.67 24.73 8.52
CA SER A 26 -10.92 25.19 9.18
C SER A 26 -10.73 26.48 9.98
N GLN A 27 -9.63 27.16 9.75
CA GLN A 27 -9.26 28.36 10.51
C GLN A 27 -8.14 29.00 9.74
N ASP A 28 -7.92 30.29 9.96
CA ASP A 28 -6.74 30.95 9.44
C ASP A 28 -5.53 30.28 10.10
N ILE A 29 -4.59 29.80 9.28
CA ILE A 29 -3.35 29.19 9.79
C ILE A 29 -2.05 29.93 9.36
N TYR A 30 -2.22 31.14 8.82
CA TYR A 30 -1.11 32.08 8.52
C TYR A 30 0.06 31.49 7.73
N SER A 31 -0.24 30.60 6.79
CA SER A 31 0.80 30.02 5.95
C SER A 31 1.76 29.13 6.73
N TYR A 32 1.38 28.70 7.94
CA TYR A 32 2.17 27.63 8.60
C TYR A 32 1.73 26.34 7.99
N LEU A 33 2.07 26.15 6.74
CA LEU A 33 1.56 25.04 6.00
C LEU A 33 2.64 24.45 5.15
N SER A 34 2.77 23.13 5.24
CA SER A 34 3.71 22.36 4.45
C SER A 34 3.00 21.35 3.52
N TRP A 35 3.65 21.09 2.38
CA TRP A 35 3.17 20.14 1.36
C TRP A 35 4.15 18.99 1.32
N LEU A 36 3.62 17.77 1.40
CA LEU A 36 4.46 16.55 1.44
C LEU A 36 4.14 15.70 0.22
N GLN A 37 5.14 14.97 -0.26
CA GLN A 37 4.99 14.10 -1.43
C GLN A 37 5.24 12.67 -0.99
N GLN A 38 4.51 11.74 -1.58
CA GLN A 38 4.82 10.35 -1.43
C GLN A 38 4.76 9.66 -2.76
N LYS A 39 5.93 9.37 -3.35
CA LYS A 39 5.97 8.64 -4.63
C LYS A 39 5.60 7.18 -4.31
N PRO A 40 4.88 6.49 -5.22
CA PRO A 40 4.29 5.16 -4.91
C PRO A 40 5.24 4.18 -4.25
N GLY A 41 4.82 3.59 -3.12
CA GLY A 41 5.66 2.61 -2.41
C GLY A 41 6.93 3.22 -1.81
N LYS A 42 6.91 4.53 -1.58
CA LYS A 42 8.07 5.23 -1.00
C LYS A 42 7.68 6.13 0.15
N SER A 43 8.67 6.81 0.69
CA SER A 43 8.51 7.59 1.90
C SER A 43 8.05 9.00 1.64
N LEU A 44 7.42 9.54 2.69
CA LEU A 44 7.05 10.92 2.79
C LEU A 44 8.30 11.78 2.73
N LYS A 45 8.23 12.80 1.88
CA LYS A 45 9.26 13.77 1.70
C LYS A 45 8.65 15.17 1.53
N THR A 46 9.04 16.10 2.41
CA THR A 46 8.52 17.48 2.37
C THR A 46 9.02 18.22 1.16
N LEU A 47 8.11 18.90 0.49
CA LEU A 47 8.41 19.63 -0.71
C LEU A 47 8.40 21.13 -0.41
N ILE A 48 7.44 21.62 0.37
CA ILE A 48 7.25 23.05 0.58
C ILE A 48 6.96 23.31 2.04
N TYR A 49 7.45 24.46 2.55
CA TYR A 49 7.15 24.90 3.92
C TYR A 49 6.73 26.40 3.92
N ARG A 50 6.16 26.83 5.04
CA ARG A 50 5.50 28.16 5.11
C ARG A 50 4.81 28.49 3.80
N ALA A 51 3.92 27.58 3.37
CA ALA A 51 3.00 27.77 2.22
C ALA A 51 3.67 27.83 0.86
N ASN A 52 4.73 28.61 0.73
CA ASN A 52 5.36 28.80 -0.57
C ASN A 52 6.87 28.71 -0.65
N ARG A 53 7.53 28.38 0.46
CA ARG A 53 8.97 28.11 0.47
C ARG A 53 9.27 26.70 -0.07
N LEU A 54 10.05 26.67 -1.14
CA LEU A 54 10.38 25.45 -1.84
C LEU A 54 11.73 24.97 -1.32
N ILE A 55 11.77 23.73 -0.83
CA ILE A 55 12.97 23.16 -0.21
C ILE A 55 14.02 22.92 -1.27
N THR A 56 15.28 23.13 -0.95
CA THR A 56 16.28 23.10 -2.01
C THR A 56 16.46 21.67 -2.44
N GLY A 57 16.63 21.49 -3.75
CA GLY A 57 16.66 20.16 -4.34
C GLY A 57 15.37 19.85 -5.06
N VAL A 58 14.27 20.37 -4.55
CA VAL A 58 12.95 20.17 -5.14
C VAL A 58 12.82 21.00 -6.41
N PRO A 59 12.39 20.36 -7.53
CA PRO A 59 12.35 21.03 -8.82
C PRO A 59 11.39 22.20 -8.89
N SER A 60 11.70 23.14 -9.78
CA SER A 60 11.03 24.43 -9.80
C SER A 60 9.63 24.40 -10.44
N ARG A 61 9.26 23.25 -11.01
CA ARG A 61 7.90 23.09 -11.50
C ARG A 61 6.92 23.05 -10.35
N PHE A 62 7.42 22.78 -9.16
CA PHE A 62 6.58 22.84 -7.97
C PHE A 62 6.54 24.25 -7.41
N SER A 63 5.37 24.58 -6.91
CA SER A 63 5.17 25.84 -6.24
C SER A 63 3.92 25.70 -5.38
N GLY A 64 3.80 26.58 -4.42
CA GLY A 64 2.62 26.62 -3.59
C GLY A 64 2.26 28.07 -3.38
N SER A 65 1.07 28.31 -2.86
CA SER A 65 0.59 29.67 -2.63
C SER A 65 -0.68 29.67 -1.81
N GLY A 66 -1.18 30.85 -1.54
CA GLY A 66 -2.38 30.98 -0.73
C GLY A 66 -2.05 31.61 0.59
N SER A 67 -3.10 31.78 1.37
CA SER A 67 -3.03 32.47 2.63
C SER A 67 -4.35 32.23 3.34
N GLY A 68 -4.48 32.78 4.54
CA GLY A 68 -5.70 32.61 5.30
C GLY A 68 -5.97 31.14 5.50
N GLN A 69 -7.11 30.66 4.99
CA GLN A 69 -7.51 29.25 5.10
C GLN A 69 -7.37 28.41 3.85
N ASP A 70 -6.98 29.02 2.74
CA ASP A 70 -7.08 28.39 1.41
C ASP A 70 -5.69 28.34 0.81
N TYR A 71 -5.24 27.16 0.41
CA TYR A 71 -3.85 27.00 -0.03
C TYR A 71 -3.78 26.08 -1.24
N SER A 72 -2.71 26.21 -2.00
CA SER A 72 -2.62 25.44 -3.23
C SER A 72 -1.21 24.94 -3.53
N LEU A 73 -1.15 23.80 -4.20
CA LEU A 73 0.08 23.30 -4.79
C LEU A 73 -0.16 23.17 -6.28
N THR A 74 0.75 23.70 -7.10
CA THR A 74 0.69 23.52 -8.53
C THR A 74 2.00 22.99 -9.11
N ILE A 75 1.85 22.18 -10.14
CA ILE A 75 2.95 21.66 -10.95
C ILE A 75 2.87 22.18 -12.40
N SER A 76 3.81 23.04 -12.77
CA SER A 76 3.85 23.70 -14.09
C SER A 76 3.62 22.75 -15.26
N SER A 77 4.38 21.65 -15.25
CA SER A 77 4.44 20.69 -16.38
C SER A 77 4.73 19.30 -15.80
N LEU A 78 3.66 18.53 -15.62
CA LEU A 78 3.73 17.26 -14.95
C LEU A 78 4.73 16.36 -15.66
N GLU A 79 5.59 15.73 -14.86
CA GLU A 79 6.59 14.76 -15.30
C GLU A 79 6.19 13.38 -14.73
N TYR A 80 6.80 12.29 -15.22
CA TYR A 80 6.50 10.94 -14.71
C TYR A 80 6.80 10.80 -13.22
N GLU A 81 7.96 11.30 -12.80
CA GLU A 81 8.38 11.27 -11.40
C GLU A 81 7.29 11.69 -10.42
N ASP A 82 6.46 12.66 -10.84
CA ASP A 82 5.57 13.38 -9.92
C ASP A 82 4.30 12.64 -9.51
N MET A 83 4.01 11.50 -10.14
CA MET A 83 2.86 10.69 -9.74
C MET A 83 3.05 10.27 -8.29
N GLY A 84 1.96 10.26 -7.54
CA GLY A 84 2.02 9.87 -6.15
C GLY A 84 0.86 10.40 -5.34
N ILE A 85 1.04 10.45 -4.02
CA ILE A 85 0.09 11.07 -3.11
C ILE A 85 0.73 12.32 -2.53
N TYR A 86 -0.01 13.46 -2.55
CA TYR A 86 0.47 14.72 -1.98
C TYR A 86 -0.44 15.11 -0.86
N TYR A 87 0.19 15.44 0.28
CA TYR A 87 -0.48 15.81 1.51
C TYR A 87 -0.16 17.26 1.96
N CYS A 88 -1.10 17.89 2.65
CA CYS A 88 -0.82 19.15 3.28
C CYS A 88 -0.73 18.97 4.81
N LEU A 89 0.04 19.86 5.44
CA LEU A 89 0.29 19.83 6.90
C LEU A 89 0.24 21.27 7.44
N GLN A 90 -0.65 21.53 8.44
CA GLN A 90 -0.62 22.79 9.19
C GLN A 90 0.17 22.59 10.48
N TYR A 91 1.06 23.52 10.77
CA TYR A 91 1.83 23.46 12.00
C TYR A 91 1.71 24.74 12.81
N ASP A 92 0.57 25.43 12.69
CA ASP A 92 0.30 26.60 13.48
C ASP A 92 -0.27 26.24 14.84
N GLU A 93 -0.83 25.05 15.03
CA GLU A 93 -1.45 24.71 16.33
C GLU A 93 -1.32 23.22 16.60
N PHE A 94 -1.18 22.92 17.89
CA PHE A 94 -1.22 21.59 18.40
C PHE A 94 -2.68 21.15 18.49
N PRO A 95 -2.97 19.89 18.11
CA PRO A 95 -2.08 18.93 17.49
C PRO A 95 -1.82 19.30 16.05
N TYR A 96 -0.59 19.24 15.55
CA TYR A 96 -0.41 19.45 14.12
C TYR A 96 -1.28 18.46 13.34
N THR A 97 -1.82 18.91 12.22
CA THR A 97 -2.80 18.13 11.50
C THR A 97 -2.57 18.12 9.99
N PHE A 98 -3.02 17.02 9.39
CA PHE A 98 -2.74 16.68 7.99
C PHE A 98 -3.98 16.63 7.18
N GLY A 99 -3.88 16.96 5.91
CA GLY A 99 -4.94 16.62 4.98
C GLY A 99 -5.03 15.12 4.67
N GLY A 100 -6.17 14.68 4.14
CA GLY A 100 -6.37 13.29 3.70
C GLY A 100 -5.48 12.84 2.54
N GLY A 101 -4.79 13.76 1.88
CA GLY A 101 -4.00 13.43 0.70
C GLY A 101 -4.76 13.52 -0.60
N THR A 102 -4.02 13.75 -1.67
CA THR A 102 -4.59 13.82 -3.00
C THR A 102 -3.69 13.01 -3.95
N LYS A 103 -4.29 12.04 -4.65
CA LYS A 103 -3.53 11.05 -5.43
C LYS A 103 -3.44 11.48 -6.88
N LEU A 104 -2.21 11.63 -7.35
CA LEU A 104 -1.93 12.01 -8.73
C LEU A 104 -1.57 10.74 -9.51
N GLU A 105 -2.39 10.42 -10.49
CA GLU A 105 -2.22 9.25 -11.29
C GLU A 105 -2.10 9.60 -12.78
N MET A 106 -1.63 8.64 -13.56
CA MET A 106 -1.17 8.85 -14.91
C MET A 106 -2.33 8.51 -15.84
N LYS A 107 -2.53 9.35 -16.86
CA LYS A 107 -3.63 9.19 -17.82
C LYS A 107 -3.22 8.23 -18.94
N ARG A 108 -4.20 7.55 -19.52
CA ARG A 108 -4.01 6.72 -20.70
C ARG A 108 -5.36 6.28 -21.27
N ALA A 109 -5.30 5.49 -22.35
CA ALA A 109 -6.49 5.08 -23.08
C ALA A 109 -7.15 3.94 -22.34
N ASP A 110 -8.46 3.83 -22.44
CA ASP A 110 -9.22 2.73 -21.83
C ASP A 110 -8.68 1.36 -22.25
N ALA A 111 -8.84 0.38 -21.36
CA ALA A 111 -8.46 -1.01 -21.63
C ALA A 111 -9.42 -1.98 -20.95
N ALA A 112 -9.84 -2.99 -21.69
CA ALA A 112 -10.66 -4.05 -21.14
C ALA A 112 -9.75 -4.98 -20.27
N PRO A 113 -10.25 -5.45 -19.13
CA PRO A 113 -9.57 -6.49 -18.35
C PRO A 113 -9.38 -7.80 -19.07
N THR A 114 -8.24 -8.43 -18.89
CA THR A 114 -8.11 -9.85 -19.21
C THR A 114 -8.45 -10.59 -17.92
N VAL A 115 -9.49 -11.41 -17.99
CA VAL A 115 -10.07 -12.11 -16.84
C VAL A 115 -9.75 -13.59 -16.97
N SER A 116 -9.25 -14.20 -15.91
CA SER A 116 -8.97 -15.62 -15.85
C SER A 116 -9.52 -16.14 -14.55
N ILE A 117 -10.07 -17.35 -14.60
CA ILE A 117 -10.56 -18.03 -13.44
C ILE A 117 -9.73 -19.32 -13.31
N PHE A 118 -9.36 -19.62 -12.07
CA PHE A 118 -8.53 -20.74 -11.76
C PHE A 118 -9.23 -21.61 -10.71
N PRO A 119 -9.42 -22.89 -11.03
CA PRO A 119 -9.90 -23.81 -10.01
C PRO A 119 -8.89 -24.08 -8.91
N PRO A 120 -9.38 -24.59 -7.77
CA PRO A 120 -8.52 -25.10 -6.74
C PRO A 120 -7.56 -26.17 -7.27
N SER A 121 -6.34 -26.14 -6.77
CA SER A 121 -5.35 -27.12 -7.17
C SER A 121 -5.66 -28.43 -6.48
N SER A 122 -5.13 -29.53 -7.02
CA SER A 122 -5.23 -30.86 -6.39
C SER A 122 -4.72 -30.83 -4.96
N GLU A 123 -3.61 -30.12 -4.74
CA GLU A 123 -2.92 -30.15 -3.45
C GLU A 123 -3.70 -29.47 -2.35
N GLN A 124 -4.36 -28.37 -2.68
CA GLN A 124 -5.15 -27.66 -1.69
C GLN A 124 -6.34 -28.49 -1.26
N LEU A 125 -7.00 -29.11 -2.24
CA LEU A 125 -8.09 -30.05 -1.94
C LEU A 125 -7.66 -31.27 -1.09
N THR A 126 -6.36 -31.57 -1.04
CA THR A 126 -5.88 -32.67 -0.23
C THR A 126 -5.71 -32.23 1.23
N SER A 127 -5.48 -30.94 1.43
CA SER A 127 -5.47 -30.33 2.75
C SER A 127 -6.90 -30.00 3.20
N GLY A 128 -7.89 -30.25 2.36
CA GLY A 128 -9.29 -30.07 2.75
C GLY A 128 -9.76 -28.63 2.70
N GLY A 129 -9.18 -27.84 1.80
CA GLY A 129 -9.54 -26.41 1.59
C GLY A 129 -9.68 -26.15 0.11
N ALA A 130 -10.48 -25.15 -0.25
CA ALA A 130 -10.73 -24.76 -1.62
C ALA A 130 -10.69 -23.22 -1.79
N SER A 131 -9.90 -22.77 -2.77
CA SER A 131 -9.71 -21.37 -3.08
C SER A 131 -9.76 -21.19 -4.59
N VAL A 132 -10.82 -20.54 -5.04
CA VAL A 132 -11.04 -20.25 -6.46
C VAL A 132 -10.63 -18.82 -6.79
N VAL A 133 -9.75 -18.64 -7.77
CA VAL A 133 -9.12 -17.35 -7.96
C VAL A 133 -9.52 -16.80 -9.32
N CYS A 134 -9.68 -15.47 -9.40
CA CYS A 134 -10.02 -14.77 -10.63
C CYS A 134 -9.09 -13.53 -10.68
N PHE A 135 -8.30 -13.43 -11.75
CA PHE A 135 -7.43 -12.31 -12.05
C PHE A 135 -8.15 -11.42 -13.04
N LEU A 136 -8.27 -10.14 -12.68
CA LEU A 136 -8.77 -9.12 -13.60
C LEU A 136 -7.58 -8.24 -13.90
N ASN A 137 -6.89 -8.53 -14.99
CA ASN A 137 -5.60 -7.92 -15.26
C ASN A 137 -5.59 -6.79 -16.29
N ASN A 138 -4.74 -5.81 -16.01
CA ASN A 138 -4.32 -4.85 -17.02
C ASN A 138 -5.48 -4.04 -17.63
N PHE A 139 -6.37 -3.57 -16.76
CA PHE A 139 -7.47 -2.70 -17.16
C PHE A 139 -7.17 -1.27 -16.82
N TYR A 140 -7.93 -0.38 -17.45
CA TYR A 140 -7.92 1.05 -17.18
C TYR A 140 -9.25 1.62 -17.67
N PRO A 141 -9.92 2.45 -16.86
CA PRO A 141 -9.50 2.98 -15.55
C PRO A 141 -9.81 2.04 -14.37
N LYS A 142 -9.26 2.40 -13.22
CA LYS A 142 -9.42 1.74 -11.92
C LYS A 142 -10.77 1.16 -11.60
N ASP A 143 -11.82 1.93 -11.85
CA ASP A 143 -13.15 1.58 -11.36
C ASP A 143 -13.62 0.26 -11.94
N ILE A 144 -13.59 -0.82 -11.16
CA ILE A 144 -14.01 -2.11 -11.68
C ILE A 144 -14.86 -2.86 -10.69
N ASN A 145 -15.70 -3.75 -11.17
CA ASN A 145 -16.53 -4.49 -10.27
C ASN A 145 -16.43 -5.97 -10.58
N VAL A 146 -16.48 -6.79 -9.55
CA VAL A 146 -16.41 -8.23 -9.72
C VAL A 146 -17.57 -8.83 -8.99
N LYS A 147 -18.09 -9.92 -9.53
CA LYS A 147 -19.26 -10.58 -8.99
C LYS A 147 -19.02 -12.07 -9.09
N TRP A 148 -19.15 -12.76 -7.96
CA TRP A 148 -19.03 -14.21 -7.96
C TRP A 148 -20.39 -14.87 -8.10
N LYS A 149 -20.42 -15.97 -8.84
CA LYS A 149 -21.63 -16.75 -9.07
C LYS A 149 -21.35 -18.24 -8.92
N ILE A 150 -22.18 -18.93 -8.15
CA ILE A 150 -22.05 -20.39 -7.94
C ILE A 150 -23.36 -21.05 -8.30
N ASP A 151 -23.35 -21.95 -9.28
CA ASP A 151 -24.55 -22.67 -9.73
C ASP A 151 -25.68 -21.72 -10.16
N GLY A 152 -25.29 -20.49 -10.51
CA GLY A 152 -26.25 -19.47 -10.93
C GLY A 152 -26.46 -18.33 -9.94
N SER A 153 -26.25 -18.58 -8.65
CA SER A 153 -26.52 -17.55 -7.61
C SER A 153 -25.29 -16.77 -7.21
N GLU A 154 -25.53 -15.49 -6.89
CA GLU A 154 -24.45 -14.58 -6.52
C GLU A 154 -23.89 -14.91 -5.13
N ARG A 155 -22.59 -14.72 -4.98
CA ARG A 155 -21.93 -14.99 -3.71
C ARG A 155 -21.21 -13.74 -3.19
N GLN A 156 -21.51 -13.42 -1.93
CA GLN A 156 -20.92 -12.27 -1.23
C GLN A 156 -19.86 -12.68 -0.19
N ASN A 157 -20.22 -13.42 0.86
CA ASN A 157 -19.22 -13.72 1.91
C ASN A 157 -18.19 -14.84 1.55
N GLY A 158 -17.00 -14.74 2.14
CA GLY A 158 -15.88 -15.65 1.84
C GLY A 158 -15.09 -15.20 0.61
N VAL A 159 -15.16 -13.91 0.33
CA VAL A 159 -14.54 -13.31 -0.86
C VAL A 159 -13.66 -12.11 -0.47
N LEU A 160 -12.41 -12.17 -0.91
CA LEU A 160 -11.39 -11.22 -0.55
C LEU A 160 -10.81 -10.68 -1.84
N ASN A 161 -10.55 -9.38 -1.87
CA ASN A 161 -10.12 -8.71 -3.08
C ASN A 161 -8.82 -7.94 -2.88
N SER A 162 -8.01 -7.87 -3.92
CA SER A 162 -6.73 -7.17 -3.83
C SER A 162 -6.59 -6.33 -5.10
N TRP A 163 -6.26 -5.06 -4.94
CA TRP A 163 -6.02 -4.17 -6.06
C TRP A 163 -4.57 -3.69 -6.12
N THR A 164 -4.01 -3.71 -7.33
CA THR A 164 -2.68 -3.16 -7.57
C THR A 164 -2.69 -1.64 -7.62
N ASP A 165 -1.54 -1.04 -7.32
CA ASP A 165 -1.30 0.34 -7.69
C ASP A 165 -1.08 0.37 -9.19
N GLN A 166 -1.51 1.46 -9.80
CA GLN A 166 -1.24 1.73 -11.23
C GLN A 166 0.17 1.26 -11.63
N ASP A 167 0.26 0.47 -12.69
CA ASP A 167 1.55 0.06 -13.21
C ASP A 167 2.35 1.25 -13.71
N SER A 168 3.55 1.41 -13.18
CA SER A 168 4.47 2.46 -13.61
C SER A 168 5.22 2.15 -14.91
N LYS A 169 4.78 1.16 -15.69
CA LYS A 169 5.30 0.94 -17.05
C LYS A 169 4.20 1.22 -18.07
N ASP A 170 3.07 0.53 -17.94
CA ASP A 170 1.97 0.63 -18.93
C ASP A 170 0.73 1.42 -18.45
N SER A 171 0.76 1.90 -17.22
CA SER A 171 -0.31 2.71 -16.60
C SER A 171 -1.65 2.02 -16.34
N THR A 172 -1.65 0.68 -16.30
CA THR A 172 -2.89 -0.08 -16.07
C THR A 172 -3.08 -0.46 -14.59
N TYR A 173 -4.24 -1.04 -14.28
CA TYR A 173 -4.53 -1.57 -12.94
C TYR A 173 -4.86 -3.06 -13.04
N SER A 174 -4.76 -3.78 -11.93
CA SER A 174 -5.22 -5.17 -11.87
C SER A 174 -5.79 -5.53 -10.49
N MET A 175 -6.68 -6.52 -10.49
CA MET A 175 -7.36 -6.96 -9.29
C MET A 175 -7.40 -8.50 -9.21
N SER A 176 -7.15 -9.06 -8.04
CA SER A 176 -7.41 -10.47 -7.82
C SER A 176 -8.67 -10.53 -6.99
N SER A 177 -9.52 -11.49 -7.30
CA SER A 177 -10.61 -11.80 -6.40
C SER A 177 -10.48 -13.26 -6.05
N THR A 178 -10.62 -13.58 -4.77
CA THR A 178 -10.49 -14.96 -4.32
C THR A 178 -11.64 -15.37 -3.42
N LEU A 179 -12.24 -16.49 -3.76
CA LEU A 179 -13.36 -17.05 -3.03
C LEU A 179 -12.89 -18.29 -2.34
N THR A 180 -12.76 -18.22 -1.02
CA THR A 180 -12.21 -19.31 -0.23
C THR A 180 -13.34 -20.09 0.44
N LEU A 181 -13.44 -21.36 0.03
CA LEU A 181 -14.39 -22.30 0.58
C LEU A 181 -13.66 -23.50 1.21
N THR A 182 -14.39 -24.24 2.05
CA THR A 182 -13.97 -25.56 2.49
C THR A 182 -14.17 -26.51 1.31
N LYS A 183 -13.46 -27.63 1.34
CA LYS A 183 -13.62 -28.68 0.35
C LYS A 183 -15.06 -29.18 0.34
N ASP A 184 -15.63 -29.36 1.55
CA ASP A 184 -17.04 -29.77 1.70
C ASP A 184 -18.02 -28.91 0.92
N GLU A 185 -17.97 -27.60 1.14
CA GLU A 185 -18.83 -26.70 0.38
C GLU A 185 -18.49 -26.78 -1.10
N TYR A 186 -17.22 -26.60 -1.43
CA TYR A 186 -16.80 -26.57 -2.82
C TYR A 186 -17.34 -27.75 -3.61
N GLU A 187 -17.31 -28.93 -3.00
CA GLU A 187 -17.76 -30.14 -3.66
C GLU A 187 -19.28 -30.25 -3.81
N ARG A 188 -20.03 -29.38 -3.13
CA ARG A 188 -21.51 -29.40 -3.21
C ARG A 188 -22.07 -28.62 -4.39
N HIS A 189 -21.19 -28.04 -5.20
CA HIS A 189 -21.61 -27.18 -6.31
C HIS A 189 -20.74 -27.45 -7.54
N ASN A 190 -21.32 -27.31 -8.73
CA ASN A 190 -20.65 -27.68 -9.99
C ASN A 190 -20.06 -26.50 -10.77
N SER A 191 -20.74 -25.35 -10.78
CA SER A 191 -20.36 -24.21 -11.61
C SER A 191 -19.84 -23.02 -10.80
N TYR A 192 -18.69 -22.52 -11.23
CA TYR A 192 -18.01 -21.43 -10.57
C TYR A 192 -17.73 -20.38 -11.62
N THR A 193 -18.23 -19.16 -11.38
CA THR A 193 -18.17 -18.06 -12.35
C THR A 193 -17.84 -16.69 -11.70
N CYS A 194 -16.80 -16.00 -12.17
CA CYS A 194 -16.63 -14.58 -11.84
C CYS A 194 -17.05 -13.74 -13.03
N GLU A 195 -17.61 -12.56 -12.75
CA GLU A 195 -17.94 -11.57 -13.79
C GLU A 195 -17.32 -10.22 -13.48
N ALA A 196 -16.62 -9.68 -14.46
CA ALA A 196 -15.99 -8.38 -14.36
C ALA A 196 -16.83 -7.33 -15.09
N THR A 197 -17.23 -6.29 -14.37
CA THR A 197 -17.97 -5.22 -15.00
C THR A 197 -17.06 -4.00 -15.09
N HIS A 198 -17.10 -3.31 -16.23
CA HIS A 198 -16.12 -2.29 -16.53
C HIS A 198 -16.63 -1.45 -17.67
N LYS A 199 -16.39 -0.13 -17.57
CA LYS A 199 -16.99 0.86 -18.46
C LYS A 199 -16.69 0.64 -19.92
N THR A 200 -15.67 -0.17 -20.20
CA THR A 200 -15.33 -0.62 -21.52
C THR A 200 -16.36 -1.57 -22.16
N SER A 201 -17.16 -2.27 -21.35
CA SER A 201 -18.26 -3.10 -21.88
C SER A 201 -19.65 -2.88 -21.24
N THR A 202 -20.69 -2.95 -22.06
CA THR A 202 -22.05 -2.76 -21.59
C THR A 202 -22.68 -4.09 -21.09
N SER A 203 -21.96 -5.18 -21.29
CA SER A 203 -22.21 -6.44 -20.60
C SER A 203 -20.86 -6.92 -20.04
N PRO A 204 -20.87 -7.78 -19.01
CA PRO A 204 -19.64 -8.23 -18.37
C PRO A 204 -18.81 -9.32 -19.11
N ILE A 205 -17.53 -9.37 -18.74
CA ILE A 205 -16.64 -10.46 -19.14
C ILE A 205 -16.91 -11.54 -18.10
N VAL A 206 -17.10 -12.76 -18.55
CA VAL A 206 -17.59 -13.85 -17.71
C VAL A 206 -16.68 -15.03 -17.95
N LYS A 207 -15.97 -15.46 -16.91
CA LYS A 207 -15.24 -16.72 -16.94
C LYS A 207 -15.83 -17.70 -15.95
N SER A 208 -15.92 -18.96 -16.39
CA SER A 208 -16.56 -20.00 -15.65
C SER A 208 -15.78 -21.29 -15.84
N PHE A 209 -15.91 -22.24 -14.92
CA PHE A 209 -15.50 -23.62 -15.19
C PHE A 209 -16.47 -24.57 -14.48
N ASN A 210 -16.40 -25.85 -14.83
CA ASN A 210 -17.18 -26.85 -14.15
C ASN A 210 -16.23 -27.85 -13.55
N ARG A 211 -16.38 -28.15 -12.25
CA ARG A 211 -15.67 -29.29 -11.65
C ARG A 211 -15.68 -30.48 -12.64
N ASN A 212 -16.88 -30.71 -13.16
CA ASN A 212 -17.17 -31.43 -14.40
C ASN A 212 -18.57 -31.93 -14.23
N VAL B 2 21.79 16.27 7.20
CA VAL B 2 21.02 15.50 8.26
C VAL B 2 20.31 14.22 7.77
N GLN B 3 20.23 13.23 8.65
CA GLN B 3 19.70 11.93 8.32
C GLN B 3 18.99 11.42 9.56
N LEU B 4 17.76 10.99 9.39
CA LEU B 4 17.01 10.39 10.49
C LEU B 4 16.76 8.90 10.14
N GLN B 5 16.77 8.00 11.12
CA GLN B 5 16.43 6.59 10.84
C GLN B 5 15.65 5.96 12.00
N GLU B 6 14.46 5.45 11.70
CA GLU B 6 13.64 4.80 12.70
C GLU B 6 14.23 3.38 12.78
N SER B 7 14.15 2.75 13.95
CA SER B 7 14.45 1.31 14.14
C SER B 7 13.59 0.73 15.26
N GLY B 8 13.26 -0.54 15.14
CA GLY B 8 12.47 -1.20 16.16
C GLY B 8 11.68 -2.38 15.65
N PRO B 9 11.14 -3.15 16.60
CA PRO B 9 10.44 -4.35 16.17
C PRO B 9 9.35 -4.01 15.16
N GLY B 10 9.16 -4.94 14.22
CA GLY B 10 8.10 -4.96 13.26
C GLY B 10 6.75 -5.51 13.76
N LEU B 11 6.68 -6.21 14.89
CA LEU B 11 5.36 -6.54 15.47
C LEU B 11 5.30 -6.41 16.93
N VAL B 12 4.28 -5.72 17.41
CA VAL B 12 4.06 -5.70 18.85
C VAL B 12 2.83 -6.51 19.05
N LYS B 13 2.63 -7.07 20.23
CA LYS B 13 1.41 -7.79 20.51
C LYS B 13 0.33 -6.86 21.04
N PRO B 14 -0.94 -7.20 20.79
CA PRO B 14 -2.03 -6.38 21.31
C PRO B 14 -1.91 -6.14 22.80
N SER B 15 -2.33 -4.96 23.23
CA SER B 15 -2.31 -4.54 24.64
C SER B 15 -0.92 -4.36 25.25
N GLN B 16 0.13 -4.40 24.44
CA GLN B 16 1.50 -4.23 24.92
C GLN B 16 2.03 -2.93 24.41
N SER B 17 3.25 -2.57 24.80
CA SER B 17 3.82 -1.30 24.39
C SER B 17 4.66 -1.46 23.17
N LEU B 18 4.57 -0.50 22.29
CA LEU B 18 5.36 -0.45 21.06
C LEU B 18 6.39 0.63 21.26
N SER B 19 7.63 0.33 20.87
CA SER B 19 8.76 1.22 21.06
C SER B 19 9.45 1.36 19.75
N LEU B 20 9.92 2.56 19.46
CA LEU B 20 10.67 2.79 18.26
C LEU B 20 11.78 3.78 18.53
N THR B 21 12.88 3.65 17.80
CA THR B 21 14.08 4.51 18.01
C THR B 21 14.31 5.38 16.79
N CYS B 22 14.65 6.63 17.02
CA CYS B 22 15.12 7.49 15.93
C CYS B 22 16.54 7.86 16.19
N THR B 23 17.44 7.42 15.33
CA THR B 23 18.84 7.77 15.50
C THR B 23 19.18 8.87 14.54
N VAL B 24 19.65 10.00 15.08
CA VAL B 24 20.03 11.16 14.27
C VAL B 24 21.52 11.18 14.05
N THR B 25 21.92 11.25 12.78
CA THR B 25 23.28 11.61 12.40
C THR B 25 23.19 12.86 11.55
N GLY B 26 24.33 13.50 11.30
CA GLY B 26 24.34 14.79 10.63
C GLY B 26 24.07 16.03 11.52
N TYR B 27 23.33 15.84 12.62
CA TYR B 27 22.83 16.91 13.49
C TYR B 27 22.67 16.53 14.99
N SER B 28 22.82 17.46 15.92
CA SER B 28 22.59 17.20 17.37
C SER B 28 21.18 17.52 17.90
N ILE B 29 20.60 16.62 18.68
CA ILE B 29 19.22 16.79 19.18
C ILE B 29 19.08 17.76 20.34
N THR B 30 20.22 18.10 20.95
CA THR B 30 20.26 19.06 22.03
C THR B 30 20.58 20.45 21.49
N SER B 31 20.78 20.55 20.18
CA SER B 31 21.20 21.81 19.57
C SER B 31 20.00 22.72 19.33
N ASP B 32 19.07 22.25 18.49
CA ASP B 32 17.97 23.08 17.98
C ASP B 32 16.90 22.15 17.40
N TYR B 33 15.70 22.67 17.10
CA TYR B 33 14.56 21.92 16.56
C TYR B 33 13.74 21.12 17.57
N ALA B 34 12.59 20.64 17.13
CA ALA B 34 11.81 19.67 17.87
C ALA B 34 11.80 18.33 17.08
N TRP B 35 11.75 17.21 17.79
CA TRP B 35 11.98 15.90 17.21
C TRP B 35 10.71 15.08 17.41
N ASN B 36 10.10 14.76 16.27
CA ASN B 36 8.70 14.41 16.17
C ASN B 36 8.51 12.93 15.78
N TRP B 37 7.35 12.42 16.15
CA TRP B 37 6.80 11.20 15.58
C TRP B 37 5.42 11.45 14.93
N ILE B 38 5.22 10.83 13.76
CA ILE B 38 3.91 10.78 13.09
C ILE B 38 3.73 9.39 12.58
N ARG B 39 2.55 9.06 12.08
CA ARG B 39 2.34 7.76 11.50
C ARG B 39 1.35 7.80 10.33
N GLN B 40 1.45 6.80 9.46
CA GLN B 40 0.58 6.69 8.31
C GLN B 40 -0.10 5.38 8.48
N PHE B 41 -1.42 5.41 8.69
CA PHE B 41 -2.17 4.20 8.86
C PHE B 41 -2.31 3.59 7.51
N PRO B 42 -2.84 2.39 7.47
CA PRO B 42 -3.23 1.78 6.22
C PRO B 42 -4.52 2.41 5.73
N GLY B 43 -4.52 2.80 4.47
CA GLY B 43 -5.57 3.66 3.92
C GLY B 43 -5.04 5.07 3.80
N ASN B 44 -3.83 5.26 4.33
CA ASN B 44 -2.95 6.39 3.99
C ASN B 44 -3.12 7.71 4.76
N LYS B 45 -4.09 7.75 5.67
CA LYS B 45 -4.33 8.91 6.52
C LYS B 45 -3.14 9.09 7.43
N LEU B 46 -2.69 10.34 7.60
CA LEU B 46 -1.54 10.68 8.43
C LEU B 46 -1.94 11.32 9.73
N GLU B 47 -1.11 11.10 10.75
CA GLU B 47 -1.33 11.70 12.02
C GLU B 47 -0.07 11.97 12.77
N TRP B 48 0.03 13.20 13.26
CA TRP B 48 1.06 13.66 14.24
C TRP B 48 0.80 13.18 15.67
N MET B 49 1.79 12.50 16.25
CA MET B 49 1.68 11.91 17.59
C MET B 49 2.22 12.85 18.65
N GLY B 50 3.39 13.43 18.39
CA GLY B 50 4.02 14.31 19.36
C GLY B 50 5.47 14.63 19.01
N TYR B 51 6.09 15.43 19.90
CA TYR B 51 7.54 15.71 19.79
C TYR B 51 8.24 15.90 21.13
N ILE B 52 9.56 16.02 21.09
CA ILE B 52 10.36 16.40 22.26
C ILE B 52 11.26 17.54 21.78
N SER B 53 11.22 18.69 22.45
CA SER B 53 12.04 19.82 21.99
C SER B 53 13.50 19.51 22.29
N TYR B 54 14.36 20.31 21.68
CA TYR B 54 15.77 20.16 21.89
C TYR B 54 16.11 20.50 23.34
N SER B 55 15.18 21.12 24.06
CA SER B 55 15.35 21.33 25.51
C SER B 55 14.57 20.33 26.42
N GLY B 56 14.02 19.29 25.81
CA GLY B 56 13.31 18.24 26.53
C GLY B 56 11.86 18.50 26.91
N THR B 57 11.27 19.61 26.48
CA THR B 57 9.83 19.78 26.64
C THR B 57 9.07 18.91 25.61
N THR B 58 8.05 18.20 26.07
CA THR B 58 7.23 17.33 25.21
C THR B 58 5.87 17.96 24.91
N SER B 59 5.42 17.79 23.67
CA SER B 59 4.03 18.05 23.32
C SER B 59 3.47 16.79 22.63
N TYR B 60 2.30 16.36 23.12
CA TYR B 60 1.65 15.16 22.64
C TYR B 60 0.27 15.48 22.06
N ASN B 61 -0.03 14.93 20.89
CA ASN B 61 -1.41 14.96 20.38
C ASN B 61 -2.38 14.46 21.46
N PRO B 62 -3.39 15.26 21.82
CA PRO B 62 -4.29 14.87 22.89
C PRO B 62 -5.07 13.57 22.67
N SER B 63 -5.25 13.14 21.43
CA SER B 63 -5.85 11.83 21.16
C SER B 63 -5.03 10.63 21.70
N LEU B 64 -3.72 10.84 21.96
CA LEU B 64 -2.80 9.81 22.48
C LEU B 64 -2.33 10.05 23.94
N LYS B 65 -2.64 11.24 24.45
CA LYS B 65 -2.15 11.71 25.74
C LYS B 65 -2.03 10.61 26.79
N SER B 66 -2.92 9.64 26.69
CA SER B 66 -2.95 8.54 27.63
C SER B 66 -1.70 7.66 27.52
N ARG B 67 -1.34 7.32 26.31
CA ARG B 67 -0.49 6.17 26.09
C ARG B 67 0.87 6.50 25.49
N ILE B 68 1.15 7.78 25.29
CA ILE B 68 2.39 8.13 24.58
C ILE B 68 3.42 8.60 25.57
N SER B 69 4.68 8.50 25.15
CA SER B 69 5.83 8.89 25.93
C SER B 69 6.97 9.08 24.94
N ILE B 70 7.40 10.31 24.73
CA ILE B 70 8.58 10.54 23.89
C ILE B 70 9.76 10.94 24.77
N THR B 71 10.86 10.18 24.67
CA THR B 71 12.05 10.38 25.53
C THR B 71 13.30 10.38 24.67
N ARG B 72 14.45 10.63 25.27
CA ARG B 72 15.69 10.78 24.48
C ARG B 72 16.93 10.45 25.26
N ASP B 73 17.90 9.88 24.57
CA ASP B 73 19.26 9.66 25.09
C ASP B 73 20.11 10.70 24.38
N THR B 74 20.55 11.70 25.11
CA THR B 74 21.41 12.67 24.50
C THR B 74 22.86 12.19 24.29
N SER B 75 23.30 11.18 25.07
CA SER B 75 24.60 10.51 24.81
C SER B 75 24.69 10.05 23.36
N LYS B 76 23.70 9.27 22.91
CA LYS B 76 23.80 8.57 21.62
C LYS B 76 23.00 9.29 20.50
N ASN B 77 22.47 10.46 20.83
CA ASN B 77 21.80 11.32 19.87
C ASN B 77 20.56 10.68 19.32
N GLN B 78 19.83 10.00 20.19
CA GLN B 78 18.66 9.21 19.81
C GLN B 78 17.48 9.71 20.57
N PHE B 79 16.29 9.63 19.95
CA PHE B 79 15.04 9.79 20.68
C PHE B 79 14.03 8.65 20.41
N PHE B 80 13.05 8.54 21.29
CA PHE B 80 12.22 7.35 21.41
C PHE B 80 10.72 7.63 21.43
N LEU B 81 9.96 6.72 20.82
CA LEU B 81 8.53 6.67 20.96
C LEU B 81 8.16 5.45 21.74
N GLN B 82 7.31 5.60 22.75
CA GLN B 82 6.75 4.42 23.44
C GLN B 82 5.24 4.57 23.44
N LEU B 83 4.54 3.60 22.85
CA LEU B 83 3.10 3.70 22.72
C LEU B 83 2.50 2.51 23.45
N ASN B 84 1.75 2.79 24.47
CA ASN B 84 1.34 1.74 25.38
C ASN B 84 -0.04 1.16 25.11
N SER B 85 -0.26 -0.05 25.57
CA SER B 85 -1.59 -0.65 25.53
C SER B 85 -2.21 -0.63 24.12
N VAL B 86 -1.38 -0.89 23.12
CA VAL B 86 -1.74 -0.89 21.73
C VAL B 86 -2.76 -1.91 21.25
N THR B 87 -3.50 -1.59 20.19
CA THR B 87 -4.39 -2.55 19.51
C THR B 87 -4.21 -2.42 18.02
N THR B 88 -5.15 -2.97 17.25
CA THR B 88 -5.00 -3.15 15.81
C THR B 88 -4.94 -1.83 15.05
N GLU B 89 -5.66 -0.82 15.56
CA GLU B 89 -5.74 0.48 14.88
C GLU B 89 -4.44 1.25 14.91
N ASP B 90 -3.50 0.68 15.64
CA ASP B 90 -2.21 1.27 15.82
C ASP B 90 -1.24 0.67 14.82
N THR B 91 -1.72 -0.17 13.92
CA THR B 91 -0.85 -0.80 12.94
C THR B 91 -0.57 0.28 11.90
N ALA B 92 0.66 0.68 11.75
CA ALA B 92 0.87 1.85 10.92
C ALA B 92 2.33 1.95 10.54
N THR B 93 2.65 2.98 9.77
CA THR B 93 4.05 3.25 9.37
C THR B 93 4.57 4.51 10.09
N TYR B 94 5.41 4.31 11.10
CA TYR B 94 5.80 5.39 11.96
C TYR B 94 6.97 6.13 11.39
N TYR B 95 6.90 7.46 11.37
CA TYR B 95 8.07 8.25 10.92
C TYR B 95 8.54 9.17 12.02
N CYS B 96 9.84 9.25 12.27
CA CYS B 96 10.40 10.33 13.07
C CYS B 96 10.67 11.50 12.15
N GLY B 97 10.88 12.68 12.75
CA GLY B 97 11.04 13.89 11.93
C GLY B 97 11.53 15.09 12.67
N ARG B 98 11.98 16.12 11.93
CA ARG B 98 12.53 17.35 12.50
C ARG B 98 11.77 18.62 12.12
N THR B 99 11.27 19.35 13.12
CA THR B 99 10.56 20.62 12.89
C THR B 99 11.16 21.76 13.71
N GLY B 100 10.85 22.98 13.26
CA GLY B 100 11.28 24.17 13.96
C GLY B 100 10.44 24.20 15.20
N VAL B 101 10.97 24.78 16.25
CA VAL B 101 10.34 24.80 17.56
C VAL B 101 9.62 26.15 17.68
N TYR B 102 10.27 27.21 17.16
CA TYR B 102 9.71 28.53 17.07
C TYR B 102 9.37 28.82 15.63
N ARG B 103 8.68 29.94 15.43
CA ARG B 103 8.12 30.27 14.13
C ARG B 103 9.12 30.98 13.25
N TYR B 104 10.03 31.69 13.87
CA TYR B 104 11.15 32.30 13.20
C TYR B 104 12.35 31.87 14.01
N PRO B 105 13.47 31.54 13.35
CA PRO B 105 13.61 31.49 11.88
C PRO B 105 12.91 30.28 11.36
N GLU B 106 12.38 30.39 10.14
CA GLU B 106 11.40 29.40 9.65
C GLU B 106 12.11 28.15 9.18
N ARG B 107 11.69 27.00 9.70
CA ARG B 107 12.31 25.72 9.38
C ARG B 107 11.38 24.78 8.65
N ALA B 108 11.93 24.11 7.63
CA ALA B 108 11.22 23.03 6.88
C ALA B 108 10.99 21.84 7.76
N PRO B 109 9.80 21.27 7.75
CA PRO B 109 9.68 19.96 8.35
C PRO B 109 10.32 18.89 7.46
N TYR B 110 10.92 17.89 8.09
CA TYR B 110 11.77 16.94 7.37
C TYR B 110 11.76 15.58 8.01
N TRP B 111 11.49 14.58 7.21
CA TRP B 111 11.13 13.30 7.76
C TRP B 111 12.17 12.28 7.47
N GLY B 112 12.17 11.28 8.33
CA GLY B 112 12.99 10.08 8.18
C GLY B 112 12.33 9.12 7.24
N GLN B 113 12.69 7.86 7.41
CA GLN B 113 12.42 6.85 6.38
C GLN B 113 11.10 6.19 6.47
N GLY B 114 10.56 6.12 7.68
CA GLY B 114 9.39 5.32 7.91
C GLY B 114 9.70 3.85 8.17
N THR B 115 8.95 3.27 9.11
CA THR B 115 9.15 1.90 9.46
C THR B 115 7.81 1.32 9.90
N LEU B 116 7.39 0.23 9.25
CA LEU B 116 6.10 -0.44 9.57
C LEU B 116 6.18 -1.15 10.91
N VAL B 117 5.13 -1.10 11.71
CA VAL B 117 4.97 -1.96 12.89
C VAL B 117 3.51 -2.44 12.93
N THR B 118 3.29 -3.75 13.13
CA THR B 118 2.01 -4.36 12.97
C THR B 118 1.57 -4.90 14.29
N VAL B 119 0.33 -4.65 14.68
CA VAL B 119 -0.17 -5.15 15.94
C VAL B 119 -1.02 -6.42 15.72
N SER B 120 -0.66 -7.47 16.43
CA SER B 120 -1.13 -8.82 16.14
C SER B 120 -0.51 -9.84 17.09
N ALA B 121 -1.25 -10.93 17.26
CA ALA B 121 -0.84 -12.06 18.10
C ALA B 121 -0.47 -13.30 17.26
N ALA B 122 -0.45 -13.19 15.92
CA ALA B 122 -0.09 -14.33 15.07
C ALA B 122 1.29 -14.90 15.44
N LYS B 123 1.40 -16.22 15.50
CA LYS B 123 2.74 -16.86 15.63
C LYS B 123 3.30 -16.81 14.18
N THR B 124 4.59 -17.09 14.00
CA THR B 124 5.24 -17.03 12.67
C THR B 124 5.06 -18.34 11.87
N THR B 125 4.34 -18.24 10.75
CA THR B 125 3.89 -19.40 9.96
C THR B 125 4.32 -19.34 8.49
N PRO B 126 4.89 -20.43 7.95
CA PRO B 126 5.28 -20.44 6.53
C PRO B 126 4.09 -20.65 5.57
N PRO B 127 4.20 -20.13 4.34
CA PRO B 127 3.08 -20.20 3.40
C PRO B 127 2.91 -21.57 2.86
N SER B 128 1.67 -21.90 2.46
CA SER B 128 1.40 -23.03 1.57
C SER B 128 1.32 -22.41 0.20
N VAL B 129 1.87 -23.11 -0.79
CA VAL B 129 1.95 -22.56 -2.15
C VAL B 129 1.23 -23.52 -3.09
N TYR B 130 0.30 -23.00 -3.88
CA TYR B 130 -0.49 -23.83 -4.76
C TYR B 130 -0.44 -23.29 -6.17
N PRO B 131 -0.42 -24.17 -7.17
CA PRO B 131 -0.36 -23.65 -8.52
C PRO B 131 -1.73 -23.17 -8.94
N LEU B 132 -1.78 -22.10 -9.75
CA LEU B 132 -2.99 -21.69 -10.43
C LEU B 132 -2.87 -21.91 -11.93
N ALA B 133 -3.48 -22.98 -12.44
CA ALA B 133 -3.49 -23.30 -13.87
C ALA B 133 -4.92 -23.28 -14.41
N PRO B 134 -5.08 -22.96 -15.69
CA PRO B 134 -6.42 -22.94 -16.28
C PRO B 134 -7.10 -24.30 -16.33
N GLY B 135 -8.41 -24.30 -16.11
CA GLY B 135 -9.26 -25.46 -16.31
C GLY B 135 -8.95 -26.06 -17.66
N SER B 136 -9.01 -27.39 -17.73
CA SER B 136 -8.64 -28.15 -18.95
C SER B 136 -9.90 -28.50 -19.74
N ALA B 137 -10.17 -27.85 -20.87
CA ALA B 137 -9.47 -26.68 -21.36
C ALA B 137 -10.50 -25.56 -21.49
N ALA B 138 -10.19 -24.46 -20.82
CA ALA B 138 -10.77 -23.17 -21.12
C ALA B 138 -10.34 -22.82 -22.53
N GLN B 139 -10.89 -21.73 -23.04
CA GLN B 139 -10.57 -21.26 -24.40
C GLN B 139 -9.14 -20.73 -24.47
N THR B 140 -8.37 -21.24 -25.45
CA THR B 140 -7.03 -20.73 -25.68
C THR B 140 -7.10 -19.50 -26.60
N ASN B 141 -6.21 -18.55 -26.30
CA ASN B 141 -5.84 -17.45 -27.19
C ASN B 141 -4.32 -17.49 -27.40
N SER B 142 -3.76 -16.40 -27.92
CA SER B 142 -2.32 -16.37 -28.21
C SER B 142 -1.47 -16.26 -26.92
N MET B 143 -2.14 -15.98 -25.81
CA MET B 143 -1.50 -15.82 -24.54
C MET B 143 -2.29 -16.51 -23.47
N VAL B 144 -1.58 -16.93 -22.43
CA VAL B 144 -2.18 -17.67 -21.36
C VAL B 144 -1.64 -17.15 -20.05
N THR B 145 -2.51 -17.07 -19.06
CA THR B 145 -2.11 -16.53 -17.77
C THR B 145 -2.07 -17.62 -16.71
N LEU B 146 -1.05 -17.56 -15.87
CA LEU B 146 -0.82 -18.55 -14.81
C LEU B 146 -0.61 -17.80 -13.49
N GLY B 147 -0.70 -18.51 -12.38
CA GLY B 147 -0.52 -17.86 -11.09
C GLY B 147 0.02 -18.82 -10.04
N CYS B 148 0.20 -18.27 -8.83
CA CYS B 148 0.58 -18.95 -7.58
C CYS B 148 -0.19 -18.39 -6.41
N LEU B 149 -0.84 -19.23 -5.64
CA LEU B 149 -1.57 -18.82 -4.46
C LEU B 149 -0.65 -19.09 -3.28
N VAL B 150 -0.33 -18.04 -2.53
CA VAL B 150 0.51 -18.14 -1.32
C VAL B 150 -0.36 -17.86 -0.08
N LYS B 151 -0.73 -18.93 0.60
CA LYS B 151 -1.78 -18.84 1.59
C LYS B 151 -1.23 -19.07 3.01
N GLY B 152 -1.76 -18.32 3.96
CA GLY B 152 -1.69 -18.73 5.36
C GLY B 152 -0.38 -18.41 6.05
N TYR B 153 0.37 -17.48 5.47
CA TYR B 153 1.64 -17.10 5.99
C TYR B 153 1.55 -15.89 6.96
N PHE B 154 2.58 -15.78 7.79
CA PHE B 154 2.72 -14.66 8.71
C PHE B 154 4.16 -14.62 9.18
N PRO B 155 4.74 -13.42 9.33
CA PRO B 155 4.25 -12.11 8.92
C PRO B 155 4.62 -11.82 7.47
N GLU B 156 4.47 -10.57 7.06
CA GLU B 156 4.95 -10.12 5.76
C GLU B 156 6.45 -9.95 5.85
N PRO B 157 7.16 -9.83 4.71
CA PRO B 157 6.72 -9.98 3.35
C PRO B 157 6.97 -11.36 2.79
N VAL B 158 6.54 -11.55 1.56
CA VAL B 158 6.87 -12.74 0.82
C VAL B 158 7.35 -12.21 -0.52
N THR B 159 8.27 -12.91 -1.16
CA THR B 159 8.70 -12.52 -2.50
C THR B 159 8.50 -13.64 -3.50
N VAL B 160 7.77 -13.31 -4.53
CA VAL B 160 7.46 -14.21 -5.60
C VAL B 160 8.24 -13.83 -6.87
N THR B 161 8.97 -14.81 -7.41
CA THR B 161 9.56 -14.69 -8.78
C THR B 161 9.11 -15.85 -9.67
N TRP B 162 9.52 -15.79 -10.93
CA TRP B 162 9.08 -16.73 -11.94
C TRP B 162 10.26 -17.15 -12.78
N ASN B 163 10.60 -18.44 -12.69
CA ASN B 163 11.73 -19.05 -13.40
C ASN B 163 13.01 -18.34 -13.01
N SER B 164 13.14 -18.23 -11.69
CA SER B 164 14.05 -17.30 -11.04
C SER B 164 13.76 -15.92 -11.64
N GLY B 165 14.73 -15.31 -12.30
CA GLY B 165 14.52 -13.97 -12.84
C GLY B 165 13.91 -13.93 -14.21
N SER B 166 14.08 -15.00 -14.97
CA SER B 166 13.86 -14.96 -16.44
C SER B 166 12.52 -14.40 -16.93
N LEU B 167 11.48 -14.45 -16.09
CA LEU B 167 10.18 -13.86 -16.44
C LEU B 167 9.91 -12.59 -15.66
N SER B 168 10.55 -11.51 -16.09
CA SER B 168 10.30 -10.14 -15.62
C SER B 168 8.94 -9.65 -16.16
N SER B 169 8.78 -9.86 -17.47
CA SER B 169 7.65 -9.35 -18.22
C SER B 169 6.34 -10.03 -17.86
N GLY B 170 5.24 -9.31 -18.06
CA GLY B 170 3.90 -9.85 -17.81
C GLY B 170 3.65 -10.44 -16.44
N VAL B 171 4.32 -9.89 -15.42
CA VAL B 171 4.19 -10.33 -14.05
C VAL B 171 3.52 -9.27 -13.16
N HIS B 172 2.65 -9.71 -12.25
CA HIS B 172 2.08 -8.88 -11.16
C HIS B 172 1.96 -9.74 -9.94
N THR B 173 2.34 -9.22 -8.79
CA THR B 173 1.99 -9.83 -7.51
C THR B 173 1.06 -8.91 -6.77
N PHE B 174 -0.10 -9.42 -6.37
CA PHE B 174 -1.09 -8.60 -5.68
C PHE B 174 -0.68 -8.32 -4.24
N PRO B 175 -1.13 -7.19 -3.67
CA PRO B 175 -0.83 -7.01 -2.24
C PRO B 175 -1.51 -8.07 -1.38
N ALA B 176 -0.89 -8.38 -0.25
CA ALA B 176 -1.43 -9.37 0.68
C ALA B 176 -2.72 -8.87 1.32
N VAL B 177 -3.61 -9.78 1.66
CA VAL B 177 -4.80 -9.49 2.43
C VAL B 177 -4.76 -10.37 3.65
N LEU B 178 -5.38 -9.88 4.72
CA LEU B 178 -5.39 -10.60 5.99
C LEU B 178 -6.62 -11.51 5.94
N GLN B 179 -6.40 -12.82 5.77
CA GLN B 179 -7.52 -13.82 5.76
C GLN B 179 -8.18 -14.05 7.12
N SER B 180 -7.50 -14.79 7.99
CA SER B 180 -8.01 -14.99 9.33
C SER B 180 -6.81 -15.01 10.25
N ASP B 181 -6.25 -13.82 10.48
CA ASP B 181 -5.06 -13.62 11.30
C ASP B 181 -3.76 -14.07 10.59
N LEU B 182 -3.89 -14.52 9.34
CA LEU B 182 -2.76 -14.82 8.49
C LEU B 182 -2.95 -14.11 7.16
N TYR B 183 -1.88 -14.08 6.37
CA TYR B 183 -1.83 -13.36 5.08
C TYR B 183 -1.93 -14.32 3.91
N THR B 184 -2.50 -13.81 2.80
CA THR B 184 -2.67 -14.54 1.55
C THR B 184 -2.46 -13.59 0.35
N LEU B 185 -1.78 -14.09 -0.67
CA LEU B 185 -1.69 -13.37 -1.93
C LEU B 185 -1.55 -14.28 -3.13
N SER B 186 -1.68 -13.70 -4.30
CA SER B 186 -1.41 -14.41 -5.54
C SER B 186 -0.54 -13.58 -6.42
N SER B 187 0.20 -14.27 -7.28
CA SER B 187 0.97 -13.64 -8.31
C SER B 187 0.45 -14.20 -9.62
N SER B 188 0.47 -13.35 -10.66
CA SER B 188 0.04 -13.67 -12.01
C SER B 188 1.23 -13.51 -12.95
N VAL B 189 1.32 -14.42 -13.91
CA VAL B 189 2.28 -14.31 -15.00
C VAL B 189 1.60 -14.67 -16.30
N THR B 190 2.01 -14.02 -17.39
CA THR B 190 1.40 -14.21 -18.70
C THR B 190 2.48 -14.45 -19.71
N VAL B 191 2.33 -15.49 -20.51
CA VAL B 191 3.35 -15.86 -21.45
C VAL B 191 2.69 -16.34 -22.72
N PRO B 192 3.41 -16.31 -23.84
CA PRO B 192 2.83 -16.87 -25.07
C PRO B 192 2.31 -18.30 -24.88
N SER B 193 1.10 -18.58 -25.34
CA SER B 193 0.52 -19.89 -25.08
C SER B 193 1.16 -21.01 -25.92
N SER B 194 1.82 -20.66 -27.02
CA SER B 194 2.72 -21.58 -27.74
C SER B 194 3.85 -22.14 -26.85
N THR B 195 4.36 -21.31 -25.94
CA THR B 195 5.53 -21.68 -25.13
C THR B 195 5.21 -22.45 -23.84
N TRP B 196 3.94 -22.39 -23.42
CA TRP B 196 3.45 -23.20 -22.31
C TRP B 196 2.37 -24.14 -22.82
N PRO B 197 2.37 -25.42 -22.41
CA PRO B 197 3.20 -26.09 -21.44
C PRO B 197 4.52 -26.60 -21.99
N SER B 198 4.83 -26.31 -23.26
CA SER B 198 6.03 -26.93 -23.86
C SER B 198 7.31 -26.50 -23.13
N GLU B 199 7.30 -25.28 -22.58
CA GLU B 199 8.36 -24.81 -21.67
C GLU B 199 7.82 -24.59 -20.27
N THR B 200 8.53 -25.15 -19.30
CA THR B 200 8.12 -25.16 -17.91
C THR B 200 8.12 -23.75 -17.37
N VAL B 201 7.18 -23.51 -16.48
CA VAL B 201 6.98 -22.22 -15.84
C VAL B 201 6.78 -22.49 -14.35
N THR B 202 7.67 -21.96 -13.52
CA THR B 202 7.71 -22.25 -12.08
C THR B 202 7.75 -20.96 -11.27
N CYS B 203 6.98 -20.91 -10.18
CA CYS B 203 7.11 -19.80 -9.24
C CYS B 203 7.95 -20.19 -8.02
N ASN B 204 8.86 -19.28 -7.67
CA ASN B 204 9.78 -19.41 -6.59
C ASN B 204 9.30 -18.42 -5.57
N VAL B 205 8.94 -18.91 -4.39
CA VAL B 205 8.38 -18.07 -3.33
C VAL B 205 9.25 -18.18 -2.12
N ALA B 206 9.72 -17.04 -1.62
CA ALA B 206 10.58 -16.95 -0.43
C ALA B 206 9.80 -16.28 0.71
N HIS B 207 9.82 -16.88 1.89
CA HIS B 207 9.27 -16.26 3.12
C HIS B 207 10.40 -16.18 4.16
N PRO B 208 11.09 -15.02 4.20
CA PRO B 208 12.35 -14.81 4.91
C PRO B 208 12.23 -14.83 6.43
N ALA B 209 11.04 -14.63 6.96
CA ALA B 209 10.85 -14.67 8.41
C ALA B 209 10.71 -16.10 8.93
N SER B 210 10.71 -17.08 8.02
CA SER B 210 10.71 -18.51 8.36
C SER B 210 11.77 -19.30 7.59
N SER B 211 12.69 -18.57 6.93
CA SER B 211 13.76 -19.18 6.13
C SER B 211 13.22 -20.21 5.12
N THR B 212 12.09 -19.88 4.53
CA THR B 212 11.36 -20.72 3.57
C THR B 212 11.58 -20.22 2.15
N LYS B 213 12.09 -21.10 1.27
CA LYS B 213 11.89 -20.99 -0.19
C LYS B 213 11.17 -22.26 -0.65
N VAL B 214 10.22 -22.09 -1.57
CA VAL B 214 9.47 -23.20 -2.18
C VAL B 214 9.20 -22.88 -3.66
N ASP B 215 9.40 -23.89 -4.51
CA ASP B 215 9.14 -23.77 -5.93
C ASP B 215 7.91 -24.59 -6.28
N LYS B 216 6.99 -23.99 -7.06
CA LYS B 216 5.86 -24.69 -7.72
C LYS B 216 5.87 -24.62 -9.24
N LYS B 217 5.94 -25.79 -9.86
CA LYS B 217 5.75 -25.92 -11.30
C LYS B 217 4.25 -25.88 -11.58
N ILE B 218 3.86 -25.05 -12.53
CA ILE B 218 2.48 -25.00 -12.95
C ILE B 218 2.31 -26.05 -14.05
N VAL B 219 1.53 -27.09 -13.75
CA VAL B 219 1.30 -28.13 -14.74
C VAL B 219 -0.17 -28.14 -15.18
N PRO B 220 -0.41 -28.47 -16.48
CA PRO B 220 -1.76 -28.47 -17.01
C PRO B 220 -2.64 -29.49 -16.32
N ARG B 221 -3.91 -29.14 -16.17
CA ARG B 221 -4.81 -29.80 -15.24
C ARG B 221 -5.40 -31.09 -15.73
N ASP B 222 -5.15 -31.45 -17.00
CA ASP B 222 -5.61 -32.74 -17.51
C ASP B 222 -5.49 -33.75 -16.36
#